data_1VE3
#
_entry.id   1VE3
#
_cell.length_a   58.167
_cell.length_b   58.167
_cell.length_c   252.463
_cell.angle_alpha   90.00
_cell.angle_beta   90.00
_cell.angle_gamma   120.00
#
_symmetry.space_group_name_H-M   'P 32 2 1'
#
loop_
_entity.id
_entity.type
_entity.pdbx_description
1 polymer 'hypothetical protein PH0226'
2 non-polymer S-ADENOSYLMETHIONINE
3 water water
#
_entity_poly.entity_id   1
_entity_poly.type   'polypeptide(L)'
_entity_poly.pdbx_seq_one_letter_code
;(MSE)GFKEYYRVFPTYTDINSQEYRSRIETLEPLL(MSE)KY(MSE)KKRGKVLDLACGVGGFSFLLEDYGFEVVGVDI
SED(MSE)IRKAREYAKSRESNVEFIVGDARKLSFEDKTFDYVIFIDSIVHFEPLELNQVFKEVRRVLKPSGKFI(MSE)
YFTDLRELLPRLKESLVVGQKYWISKVIPDQEERTVVIEFKSEQDSFRVRFNVWGKTGVELLAKLYFTKEAEEKVGNYSY
LTVYNPK
;
_entity_poly.pdbx_strand_id   A,B
#
loop_
_chem_comp.id
_chem_comp.type
_chem_comp.name
_chem_comp.formula
SAM non-polymer S-ADENOSYLMETHIONINE 'C15 H22 N6 O5 S'
#
# COMPACT_ATOMS: atom_id res chain seq x y z
N GLY A 2 -12.24 -26.02 -15.94
CA GLY A 2 -13.42 -26.28 -15.07
C GLY A 2 -14.54 -26.92 -15.87
N PHE A 3 -15.60 -27.37 -15.20
CA PHE A 3 -16.71 -27.99 -15.90
C PHE A 3 -18.05 -28.01 -15.16
N LYS A 4 -19.07 -28.56 -15.83
CA LYS A 4 -20.43 -28.65 -15.30
C LYS A 4 -20.59 -29.03 -13.83
N GLU A 5 -20.09 -30.19 -13.43
CA GLU A 5 -20.22 -30.62 -12.03
C GLU A 5 -19.51 -29.68 -11.06
N TYR A 6 -18.30 -29.28 -11.42
CA TYR A 6 -17.51 -28.38 -10.60
C TYR A 6 -18.30 -27.12 -10.26
N TYR A 7 -18.99 -26.57 -11.25
CA TYR A 7 -19.76 -25.36 -11.04
C TYR A 7 -21.09 -25.61 -10.33
N ARG A 8 -21.70 -26.76 -10.58
CA ARG A 8 -22.97 -27.09 -9.93
C ARG A 8 -22.75 -27.30 -8.44
N VAL A 9 -21.63 -27.93 -8.10
CA VAL A 9 -21.28 -28.22 -6.71
C VAL A 9 -20.88 -27.00 -5.86
N PHE A 10 -20.05 -26.11 -6.42
CA PHE A 10 -19.62 -24.93 -5.68
C PHE A 10 -20.36 -23.66 -6.07
N PRO A 11 -20.68 -22.80 -5.08
CA PRO A 11 -21.39 -21.55 -5.30
C PRO A 11 -20.52 -20.37 -5.71
N THR A 12 -19.21 -20.49 -5.46
CA THR A 12 -18.24 -19.43 -5.75
C THR A 12 -18.43 -18.68 -7.07
N TYR A 13 -18.82 -19.39 -8.12
CA TYR A 13 -18.97 -18.73 -9.42
C TYR A 13 -20.38 -18.80 -9.98
N THR A 14 -21.30 -19.37 -9.22
CA THR A 14 -22.67 -19.51 -9.71
C THR A 14 -23.77 -18.95 -8.82
N ASP A 15 -23.47 -18.72 -7.54
CA ASP A 15 -24.47 -18.19 -6.62
C ASP A 15 -24.09 -16.80 -6.13
N ILE A 16 -24.53 -15.79 -6.88
CA ILE A 16 -24.22 -14.38 -6.58
C ILE A 16 -24.52 -13.95 -5.16
N ASN A 17 -25.43 -14.63 -4.48
CA ASN A 17 -25.75 -14.26 -3.10
C ASN A 17 -25.03 -15.08 -2.04
N SER A 18 -24.21 -16.05 -2.45
CA SER A 18 -23.47 -16.85 -1.50
C SER A 18 -22.35 -16.02 -0.89
N GLN A 19 -21.88 -16.46 0.28
CA GLN A 19 -20.80 -15.75 0.95
C GLN A 19 -19.52 -15.88 0.11
N GLU A 20 -19.37 -17.03 -0.56
CA GLU A 20 -18.19 -17.27 -1.39
C GLU A 20 -18.08 -16.23 -2.51
N TYR A 21 -19.17 -16.06 -3.25
CA TYR A 21 -19.22 -15.11 -4.36
C TYR A 21 -19.07 -13.66 -3.89
N ARG A 22 -19.75 -13.31 -2.81
CA ARG A 22 -19.69 -11.95 -2.27
C ARG A 22 -18.27 -11.60 -1.86
N SER A 23 -17.57 -12.58 -1.28
CA SER A 23 -16.20 -12.41 -0.85
C SER A 23 -15.32 -11.99 -2.03
N ARG A 24 -15.53 -12.62 -3.18
CA ARG A 24 -14.76 -12.32 -4.38
C ARG A 24 -15.07 -10.89 -4.85
N ILE A 25 -16.35 -10.54 -4.85
CA ILE A 25 -16.75 -9.20 -5.28
C ILE A 25 -16.13 -8.11 -4.39
N GLU A 26 -16.34 -8.23 -3.09
CA GLU A 26 -15.85 -7.24 -2.16
C GLU A 26 -14.32 -7.15 -2.09
N THR A 27 -13.65 -8.20 -2.53
CA THR A 27 -12.19 -8.18 -2.52
C THR A 27 -11.70 -7.38 -3.73
N LEU A 28 -12.31 -7.61 -4.88
CA LEU A 28 -11.93 -6.92 -6.11
C LEU A 28 -12.53 -5.54 -6.30
N GLU A 29 -13.75 -5.35 -5.79
CA GLU A 29 -14.46 -4.07 -5.91
C GLU A 29 -13.59 -2.81 -5.75
N PRO A 30 -12.89 -2.67 -4.62
CA PRO A 30 -12.05 -1.49 -4.39
C PRO A 30 -10.91 -1.35 -5.42
N LEU A 31 -10.37 -2.47 -5.85
CA LEU A 31 -9.28 -2.46 -6.82
C LEU A 31 -9.80 -2.06 -8.21
N LEU A 32 -11.00 -2.50 -8.54
CA LEU A 32 -11.60 -2.18 -9.83
C LEU A 32 -11.94 -0.70 -9.96
N MSE A 33 -12.30 -0.09 -8.84
CA MSE A 33 -12.64 1.32 -8.86
C MSE A 33 -11.40 2.19 -8.88
O MSE A 33 -11.44 3.35 -9.31
CB MSE A 33 -13.52 1.67 -7.66
CG MSE A 33 -14.87 0.99 -7.72
SE MSE A 33 -15.63 1.07 -9.52
CE MSE A 33 -15.26 -0.73 -10.10
N LYS A 34 -10.28 1.63 -8.44
CA LYS A 34 -9.02 2.35 -8.41
C LYS A 34 -8.51 2.59 -9.83
N TYR A 35 -9.01 1.80 -10.77
CA TYR A 35 -8.58 1.92 -12.16
C TYR A 35 -9.73 2.12 -13.14
N MSE A 36 -10.94 2.32 -12.62
CA MSE A 36 -12.11 2.53 -13.46
C MSE A 36 -12.84 3.79 -13.01
O MSE A 36 -14.06 3.80 -12.88
CB MSE A 36 -13.05 1.32 -13.39
CG MSE A 36 -12.44 0.05 -13.97
SE MSE A 36 -13.61 -1.50 -13.83
CE MSE A 36 -14.82 -1.12 -15.27
N LYS A 37 -12.08 4.85 -12.80
CA LYS A 37 -12.65 6.12 -12.37
C LYS A 37 -13.59 6.68 -13.43
N LYS A 38 -13.16 6.67 -14.69
CA LYS A 38 -13.99 7.18 -15.76
C LYS A 38 -14.98 6.13 -16.22
N ARG A 39 -16.27 6.44 -16.15
CA ARG A 39 -17.31 5.51 -16.56
C ARG A 39 -17.24 5.33 -18.06
N GLY A 40 -17.81 4.23 -18.55
CA GLY A 40 -17.81 3.97 -19.97
C GLY A 40 -18.48 2.65 -20.33
N LYS A 41 -18.19 2.14 -21.51
CA LYS A 41 -18.78 0.89 -21.97
C LYS A 41 -17.88 -0.29 -21.54
N VAL A 42 -18.42 -1.20 -20.75
CA VAL A 42 -17.64 -2.33 -20.25
C VAL A 42 -18.07 -3.69 -20.80
N LEU A 43 -17.10 -4.55 -21.08
CA LEU A 43 -17.38 -5.90 -21.56
C LEU A 43 -16.92 -6.90 -20.50
N ASP A 44 -17.86 -7.68 -19.98
CA ASP A 44 -17.54 -8.69 -18.97
C ASP A 44 -17.34 -10.01 -19.72
N LEU A 45 -16.10 -10.27 -20.13
CA LEU A 45 -15.76 -11.47 -20.89
C LEU A 45 -15.73 -12.70 -19.97
N ALA A 46 -16.53 -13.70 -20.33
CA ALA A 46 -16.64 -14.92 -19.52
C ALA A 46 -17.24 -14.45 -18.19
N CYS A 47 -18.42 -13.82 -18.28
CA CYS A 47 -19.11 -13.25 -17.11
C CYS A 47 -19.74 -14.20 -16.10
N GLY A 48 -19.85 -15.48 -16.43
CA GLY A 48 -20.45 -16.41 -15.50
C GLY A 48 -21.89 -16.02 -15.25
N VAL A 49 -22.30 -15.90 -14.00
CA VAL A 49 -23.67 -15.54 -13.68
C VAL A 49 -23.92 -14.02 -13.64
N GLY A 50 -22.92 -13.25 -14.03
CA GLY A 50 -23.05 -11.80 -14.09
C GLY A 50 -22.84 -10.98 -12.83
N GLY A 51 -22.31 -11.59 -11.77
CA GLY A 51 -22.08 -10.86 -10.54
C GLY A 51 -21.29 -9.56 -10.68
N PHE A 52 -20.17 -9.59 -11.40
CA PHE A 52 -19.37 -8.38 -11.54
C PHE A 52 -20.00 -7.38 -12.49
N SER A 53 -20.94 -7.85 -13.31
CA SER A 53 -21.63 -6.96 -14.24
C SER A 53 -22.54 -6.05 -13.42
N PHE A 54 -23.41 -6.65 -12.60
CA PHE A 54 -24.33 -5.90 -11.77
C PHE A 54 -23.55 -4.91 -10.90
N LEU A 55 -22.41 -5.34 -10.39
CA LEU A 55 -21.59 -4.45 -9.57
C LEU A 55 -21.20 -3.18 -10.35
N LEU A 56 -20.69 -3.37 -11.56
CA LEU A 56 -20.28 -2.23 -12.38
C LEU A 56 -21.47 -1.39 -12.80
N GLU A 57 -22.56 -2.05 -13.14
CA GLU A 57 -23.78 -1.36 -13.55
C GLU A 57 -24.26 -0.40 -12.46
N ASP A 58 -24.09 -0.79 -11.19
CA ASP A 58 -24.53 0.06 -10.08
C ASP A 58 -23.58 1.23 -9.88
N TYR A 59 -22.36 1.11 -10.40
CA TYR A 59 -21.38 2.17 -10.28
C TYR A 59 -21.48 3.15 -11.44
N GLY A 60 -22.51 2.95 -12.26
CA GLY A 60 -22.73 3.84 -13.39
C GLY A 60 -21.97 3.47 -14.66
N PHE A 61 -21.94 2.18 -14.99
CA PHE A 61 -21.27 1.72 -16.20
C PHE A 61 -22.28 1.06 -17.13
N GLU A 62 -22.03 1.15 -18.43
CA GLU A 62 -22.88 0.52 -19.43
C GLU A 62 -22.26 -0.85 -19.61
N VAL A 63 -22.94 -1.89 -19.13
CA VAL A 63 -22.39 -3.24 -19.18
C VAL A 63 -22.95 -4.28 -20.13
N VAL A 64 -22.05 -5.06 -20.70
CA VAL A 64 -22.39 -6.14 -21.61
C VAL A 64 -21.66 -7.39 -21.11
N GLY A 65 -22.42 -8.44 -20.84
CA GLY A 65 -21.82 -9.67 -20.35
C GLY A 65 -21.86 -10.79 -21.37
N VAL A 66 -20.71 -11.43 -21.60
CA VAL A 66 -20.60 -12.52 -22.56
C VAL A 66 -20.02 -13.80 -21.95
N ASP A 67 -20.67 -14.94 -22.20
CA ASP A 67 -20.20 -16.22 -21.69
C ASP A 67 -20.61 -17.30 -22.69
N ILE A 68 -19.80 -18.36 -22.77
CA ILE A 68 -20.04 -19.45 -23.70
C ILE A 68 -21.08 -20.46 -23.21
N SER A 69 -21.36 -20.42 -21.92
CA SER A 69 -22.32 -21.36 -21.34
C SER A 69 -23.77 -20.87 -21.37
N GLU A 70 -24.64 -21.69 -21.96
CA GLU A 70 -26.05 -21.36 -22.02
C GLU A 70 -26.61 -21.28 -20.61
N ASP A 71 -26.13 -22.16 -19.73
CA ASP A 71 -26.59 -22.20 -18.34
C ASP A 71 -26.18 -20.96 -17.55
N MSE A 72 -24.93 -20.54 -17.72
CA MSE A 72 -24.43 -19.36 -17.03
C MSE A 72 -25.27 -18.15 -17.43
O MSE A 72 -25.72 -17.37 -16.60
CB MSE A 72 -22.96 -19.11 -17.38
CG MSE A 72 -22.00 -20.14 -16.81
SE MSE A 72 -21.97 -20.13 -14.88
CE MSE A 72 -22.74 -21.88 -14.58
N ILE A 73 -25.45 -18.00 -18.74
CA ILE A 73 -26.23 -16.89 -19.29
C ILE A 73 -27.69 -16.93 -18.84
N ARG A 74 -28.27 -18.13 -18.79
CA ARG A 74 -29.66 -18.26 -18.35
C ARG A 74 -29.82 -17.75 -16.92
N LYS A 75 -28.93 -18.18 -16.03
CA LYS A 75 -29.00 -17.73 -14.63
C LYS A 75 -28.75 -16.22 -14.55
N ALA A 76 -27.83 -15.73 -15.37
CA ALA A 76 -27.49 -14.31 -15.37
C ALA A 76 -28.74 -13.47 -15.60
N ARG A 77 -29.51 -13.86 -16.61
CA ARG A 77 -30.74 -13.15 -16.95
C ARG A 77 -31.74 -13.13 -15.80
N GLU A 78 -31.91 -14.26 -15.12
CA GLU A 78 -32.84 -14.31 -13.99
C GLU A 78 -32.36 -13.39 -12.88
N TYR A 79 -31.04 -13.30 -12.68
CA TYR A 79 -30.50 -12.43 -11.66
C TYR A 79 -30.75 -10.98 -12.05
N ALA A 80 -30.60 -10.70 -13.34
CA ALA A 80 -30.81 -9.36 -13.86
C ALA A 80 -32.28 -8.99 -13.71
N LYS A 81 -33.14 -9.98 -13.89
CA LYS A 81 -34.59 -9.76 -13.78
C LYS A 81 -34.92 -9.41 -12.33
N SER A 82 -34.50 -10.27 -11.41
CA SER A 82 -34.77 -10.06 -9.99
C SER A 82 -34.15 -8.77 -9.47
N ARG A 83 -33.02 -8.36 -10.04
CA ARG A 83 -32.38 -7.13 -9.61
C ARG A 83 -32.78 -5.95 -10.49
N GLU A 84 -33.65 -6.21 -11.46
CA GLU A 84 -34.10 -5.17 -12.37
C GLU A 84 -32.88 -4.44 -12.95
N SER A 85 -32.06 -5.21 -13.65
CA SER A 85 -30.83 -4.72 -14.27
C SER A 85 -30.98 -4.58 -15.78
N ASN A 86 -30.26 -3.61 -16.34
CA ASN A 86 -30.29 -3.37 -17.78
C ASN A 86 -29.07 -3.95 -18.48
N VAL A 87 -28.30 -4.76 -17.76
CA VAL A 87 -27.12 -5.39 -18.32
C VAL A 87 -27.56 -6.43 -19.34
N GLU A 88 -27.00 -6.37 -20.55
CA GLU A 88 -27.33 -7.32 -21.60
C GLU A 88 -26.36 -8.49 -21.62
N PHE A 89 -26.90 -9.68 -21.47
CA PHE A 89 -26.10 -10.89 -21.49
C PHE A 89 -26.22 -11.58 -22.82
N ILE A 90 -25.08 -11.97 -23.39
CA ILE A 90 -25.05 -12.64 -24.68
C ILE A 90 -24.20 -13.90 -24.60
N VAL A 91 -24.68 -14.97 -25.24
CA VAL A 91 -23.95 -16.22 -25.27
C VAL A 91 -22.93 -16.13 -26.40
N GLY A 92 -21.66 -15.97 -26.04
CA GLY A 92 -20.62 -15.86 -27.05
C GLY A 92 -19.30 -16.50 -26.66
N ASP A 93 -18.38 -16.54 -27.62
CA ASP A 93 -17.06 -17.14 -27.41
C ASP A 93 -15.99 -16.05 -27.30
N ALA A 94 -15.31 -16.02 -26.15
CA ALA A 94 -14.27 -15.03 -25.90
C ALA A 94 -13.15 -15.11 -26.92
N ARG A 95 -12.98 -16.28 -27.52
CA ARG A 95 -11.94 -16.49 -28.53
C ARG A 95 -12.28 -15.84 -29.86
N LYS A 96 -13.56 -15.54 -30.07
CA LYS A 96 -14.00 -14.90 -31.31
C LYS A 96 -15.31 -14.14 -31.12
N LEU A 97 -15.20 -12.88 -30.71
CA LEU A 97 -16.35 -12.02 -30.45
C LEU A 97 -16.86 -11.39 -31.74
N SER A 98 -18.16 -11.11 -31.78
CA SER A 98 -18.79 -10.52 -32.96
C SER A 98 -18.87 -8.99 -32.91
N PHE A 99 -18.40 -8.40 -31.81
CA PHE A 99 -18.45 -6.95 -31.69
C PHE A 99 -17.53 -6.28 -32.71
N GLU A 100 -17.84 -5.02 -33.04
CA GLU A 100 -17.04 -4.26 -33.98
C GLU A 100 -15.75 -3.88 -33.29
N ASP A 101 -14.78 -3.41 -34.05
CA ASP A 101 -13.50 -2.99 -33.51
C ASP A 101 -13.67 -1.73 -32.68
N LYS A 102 -12.82 -1.59 -31.65
CA LYS A 102 -12.87 -0.41 -30.80
C LYS A 102 -14.27 -0.11 -30.27
N THR A 103 -14.92 -1.12 -29.69
CA THR A 103 -16.26 -0.93 -29.16
C THR A 103 -16.29 -0.63 -27.67
N PHE A 104 -15.31 -1.11 -26.92
CA PHE A 104 -15.31 -0.90 -25.47
C PHE A 104 -14.26 0.00 -24.85
N ASP A 105 -14.60 0.55 -23.70
CA ASP A 105 -13.70 1.41 -22.93
C ASP A 105 -13.00 0.52 -21.91
N TYR A 106 -13.68 -0.57 -21.55
CA TYR A 106 -13.16 -1.54 -20.58
C TYR A 106 -13.60 -2.94 -20.94
N VAL A 107 -12.77 -3.91 -20.55
CA VAL A 107 -13.02 -5.31 -20.77
C VAL A 107 -12.46 -5.97 -19.52
N ILE A 108 -13.32 -6.59 -18.71
CA ILE A 108 -12.86 -7.27 -17.50
C ILE A 108 -12.90 -8.76 -17.75
N PHE A 109 -11.91 -9.45 -17.20
CA PHE A 109 -11.74 -10.89 -17.39
C PHE A 109 -11.29 -11.43 -16.03
N ILE A 110 -12.24 -12.03 -15.31
CA ILE A 110 -11.98 -12.52 -13.97
C ILE A 110 -12.05 -14.03 -13.73
N ASP A 111 -11.07 -14.57 -13.01
CA ASP A 111 -11.03 -15.99 -12.66
C ASP A 111 -11.46 -16.92 -13.79
N SER A 112 -10.90 -16.79 -14.99
CA SER A 112 -11.34 -17.67 -16.08
C SER A 112 -10.28 -18.36 -16.91
N ILE A 113 -9.01 -18.02 -16.72
CA ILE A 113 -7.95 -18.62 -17.52
C ILE A 113 -7.81 -20.13 -17.46
N VAL A 114 -8.28 -20.78 -16.38
CA VAL A 114 -8.16 -22.24 -16.31
C VAL A 114 -8.86 -22.89 -17.48
N HIS A 115 -9.74 -22.14 -18.13
CA HIS A 115 -10.51 -22.64 -19.28
C HIS A 115 -9.78 -22.53 -20.61
N PHE A 116 -8.64 -21.86 -20.63
CA PHE A 116 -7.94 -21.67 -21.90
C PHE A 116 -6.53 -22.22 -21.97
N GLU A 117 -6.24 -22.99 -23.02
CA GLU A 117 -4.89 -23.48 -23.21
C GLU A 117 -4.16 -22.31 -23.90
N PRO A 118 -2.83 -22.36 -24.01
CA PRO A 118 -2.07 -21.28 -24.63
C PRO A 118 -2.61 -20.68 -25.94
N LEU A 119 -2.86 -21.50 -26.95
CA LEU A 119 -3.34 -20.95 -28.20
C LEU A 119 -4.73 -20.32 -28.10
N GLU A 120 -5.51 -20.75 -27.12
CA GLU A 120 -6.87 -20.19 -26.95
C GLU A 120 -6.79 -18.86 -26.23
N LEU A 121 -5.93 -18.79 -25.21
CA LEU A 121 -5.79 -17.54 -24.47
C LEU A 121 -5.17 -16.51 -25.40
N ASN A 122 -4.35 -16.98 -26.36
CA ASN A 122 -3.73 -16.08 -27.31
C ASN A 122 -4.83 -15.42 -28.16
N GLN A 123 -5.81 -16.22 -28.58
CA GLN A 123 -6.92 -15.73 -29.39
C GLN A 123 -7.77 -14.73 -28.60
N VAL A 124 -8.00 -15.02 -27.32
CA VAL A 124 -8.79 -14.12 -26.49
C VAL A 124 -8.12 -12.75 -26.36
N PHE A 125 -6.83 -12.74 -26.04
CA PHE A 125 -6.10 -11.48 -25.91
C PHE A 125 -6.16 -10.69 -27.20
N LYS A 126 -6.03 -11.38 -28.34
CA LYS A 126 -6.08 -10.73 -29.64
C LYS A 126 -7.44 -10.07 -29.83
N GLU A 127 -8.50 -10.82 -29.52
CA GLU A 127 -9.86 -10.31 -29.65
C GLU A 127 -10.13 -9.14 -28.70
N VAL A 128 -9.59 -9.23 -27.47
CA VAL A 128 -9.78 -8.17 -26.49
C VAL A 128 -9.16 -6.87 -27.00
N ARG A 129 -7.94 -6.95 -27.50
CA ARG A 129 -7.27 -5.77 -28.00
C ARG A 129 -8.11 -5.14 -29.13
N ARG A 130 -8.64 -5.99 -30.00
CA ARG A 130 -9.44 -5.52 -31.14
C ARG A 130 -10.72 -4.77 -30.80
N VAL A 131 -11.51 -5.31 -29.87
CA VAL A 131 -12.77 -4.69 -29.48
C VAL A 131 -12.59 -3.56 -28.47
N LEU A 132 -11.36 -3.37 -28.01
CA LEU A 132 -11.06 -2.33 -27.05
C LEU A 132 -10.65 -1.04 -27.76
N LYS A 133 -11.14 0.10 -27.26
CA LYS A 133 -10.77 1.37 -27.84
C LYS A 133 -9.31 1.62 -27.47
N PRO A 134 -8.53 2.25 -28.37
CA PRO A 134 -7.13 2.50 -28.03
C PRO A 134 -6.95 3.18 -26.66
N SER A 135 -7.95 3.93 -26.24
CA SER A 135 -7.89 4.61 -24.94
C SER A 135 -8.49 3.76 -23.84
N GLY A 136 -8.95 2.56 -24.21
CA GLY A 136 -9.57 1.65 -23.26
C GLY A 136 -8.62 0.90 -22.36
N LYS A 137 -9.18 0.09 -21.46
CA LYS A 137 -8.38 -0.68 -20.53
C LYS A 137 -8.83 -2.13 -20.38
N PHE A 138 -7.87 -3.05 -20.42
CA PHE A 138 -8.12 -4.48 -20.25
C PHE A 138 -7.74 -4.78 -18.81
N ILE A 139 -8.69 -5.24 -18.01
CA ILE A 139 -8.41 -5.54 -16.61
C ILE A 139 -8.70 -7.00 -16.29
N MSE A 140 -7.67 -7.78 -15.98
CA MSE A 140 -7.89 -9.18 -15.64
C MSE A 140 -7.35 -9.59 -14.28
O MSE A 140 -6.39 -9.02 -13.76
CB MSE A 140 -7.37 -10.11 -16.77
CG MSE A 140 -5.90 -10.51 -16.74
SE MSE A 140 -5.52 -12.04 -17.98
CE MSE A 140 -5.63 -13.47 -16.71
N TYR A 141 -8.01 -10.57 -13.68
CA TYR A 141 -7.62 -11.10 -12.39
C TYR A 141 -7.45 -12.59 -12.59
N PHE A 142 -6.31 -13.11 -12.16
CA PHE A 142 -6.05 -14.53 -12.32
C PHE A 142 -5.20 -15.04 -11.19
N THR A 143 -5.14 -16.35 -11.06
CA THR A 143 -4.36 -16.97 -10.01
C THR A 143 -3.21 -17.73 -10.66
N ASP A 144 -2.01 -17.55 -10.11
CA ASP A 144 -0.85 -18.25 -10.61
C ASP A 144 -1.00 -19.68 -10.08
N LEU A 145 -1.74 -20.49 -10.84
CA LEU A 145 -1.93 -21.80 -10.24
C LEU A 145 -0.67 -22.65 -10.37
N ARG A 146 0.31 -22.25 -11.19
CA ARG A 146 1.59 -22.95 -11.19
C ARG A 146 2.33 -22.82 -9.86
N GLU A 147 2.28 -21.64 -9.27
CA GLU A 147 2.95 -21.41 -8.00
C GLU A 147 2.15 -22.01 -6.84
N LEU A 148 0.83 -22.02 -7.00
CA LEU A 148 -0.07 -22.55 -5.98
C LEU A 148 -0.08 -24.08 -5.97
N LEU A 149 0.18 -24.69 -7.13
CA LEU A 149 0.18 -26.14 -7.28
C LEU A 149 0.82 -26.87 -6.09
N PRO A 150 2.09 -26.55 -5.75
CA PRO A 150 2.78 -27.21 -4.64
C PRO A 150 1.95 -27.39 -3.37
N ARG A 151 1.37 -26.30 -2.87
CA ARG A 151 0.56 -26.37 -1.67
C ARG A 151 -0.90 -26.03 -1.94
N LEU A 152 -1.50 -26.74 -2.91
CA LEU A 152 -2.88 -26.52 -3.30
C LEU A 152 -3.86 -27.38 -2.49
N LYS A 153 -3.45 -28.61 -2.18
CA LYS A 153 -4.28 -29.55 -1.43
C LYS A 153 -4.86 -28.97 -0.14
N GLU A 154 -4.40 -27.78 0.25
CA GLU A 154 -4.89 -27.12 1.47
C GLU A 154 -4.35 -25.70 1.61
N ILE A 164 -10.64 -32.05 -1.09
CA ILE A 164 -9.72 -32.41 -2.17
C ILE A 164 -8.97 -33.69 -1.84
N SER A 165 -9.14 -34.71 -2.67
CA SER A 165 -8.49 -36.00 -2.45
C SER A 165 -7.18 -36.17 -3.20
N LYS A 166 -7.09 -35.68 -4.43
CA LYS A 166 -5.87 -35.84 -5.20
C LYS A 166 -5.55 -34.68 -6.15
N VAL A 167 -4.27 -34.53 -6.48
CA VAL A 167 -3.79 -33.49 -7.38
C VAL A 167 -2.79 -34.10 -8.35
N ILE A 168 -3.22 -34.35 -9.58
CA ILE A 168 -2.37 -34.95 -10.59
C ILE A 168 -1.97 -33.94 -11.65
N PRO A 169 -0.77 -33.39 -11.52
CA PRO A 169 -0.31 -32.42 -12.49
C PRO A 169 0.23 -33.05 -13.78
N ASP A 170 0.73 -32.15 -14.64
CA ASP A 170 1.30 -32.64 -15.88
C ASP A 170 1.79 -31.42 -16.62
N GLN A 171 2.93 -30.88 -16.21
CA GLN A 171 3.49 -29.70 -16.80
C GLN A 171 4.00 -29.92 -18.20
N GLU A 172 4.05 -31.17 -18.63
CA GLU A 172 4.51 -31.54 -19.95
C GLU A 172 3.31 -31.27 -20.86
N GLU A 173 2.30 -30.62 -20.27
CA GLU A 173 1.06 -30.29 -20.94
C GLU A 173 0.47 -29.01 -20.38
N ARG A 174 0.96 -28.60 -19.21
CA ARG A 174 0.49 -27.39 -18.55
C ARG A 174 -0.95 -27.55 -18.08
N THR A 175 -1.29 -28.72 -17.54
CA THR A 175 -2.63 -28.97 -17.04
C THR A 175 -2.54 -29.75 -15.74
N VAL A 176 -3.67 -29.86 -15.04
CA VAL A 176 -3.69 -30.59 -13.78
C VAL A 176 -5.09 -31.12 -13.49
N VAL A 177 -5.13 -32.32 -12.90
CA VAL A 177 -6.38 -32.96 -12.54
C VAL A 177 -6.53 -32.90 -11.03
N ILE A 178 -7.63 -32.31 -10.57
CA ILE A 178 -7.90 -32.22 -9.14
C ILE A 178 -9.16 -33.02 -8.83
N GLU A 179 -9.05 -33.97 -7.91
CA GLU A 179 -10.18 -34.79 -7.53
C GLU A 179 -10.77 -34.29 -6.23
N PHE A 180 -12.09 -34.19 -6.17
CA PHE A 180 -12.77 -33.72 -4.97
C PHE A 180 -13.44 -34.86 -4.21
N SER A 186 -17.37 -39.32 -6.27
CA SER A 186 -16.67 -38.04 -6.39
C SER A 186 -16.61 -37.60 -7.84
N PHE A 187 -15.69 -36.68 -8.14
CA PHE A 187 -15.54 -36.18 -9.51
C PHE A 187 -14.19 -35.52 -9.72
N ARG A 188 -13.76 -35.49 -10.98
CA ARG A 188 -12.47 -34.90 -11.33
C ARG A 188 -12.62 -33.75 -12.32
N VAL A 189 -11.69 -32.80 -12.24
CA VAL A 189 -11.70 -31.65 -13.13
C VAL A 189 -10.27 -31.40 -13.60
N ARG A 190 -10.12 -31.09 -14.89
CA ARG A 190 -8.80 -30.78 -15.43
C ARG A 190 -8.75 -29.28 -15.71
N PHE A 191 -7.75 -28.61 -15.15
CA PHE A 191 -7.58 -27.17 -15.33
C PHE A 191 -6.33 -26.87 -16.15
N ASN A 192 -6.37 -25.80 -16.94
CA ASN A 192 -5.18 -25.39 -17.68
C ASN A 192 -4.39 -24.66 -16.60
N VAL A 193 -3.11 -24.96 -16.46
CA VAL A 193 -2.29 -24.33 -15.43
C VAL A 193 -1.49 -23.14 -15.98
N TRP A 194 -1.68 -21.98 -15.36
CA TRP A 194 -0.97 -20.78 -15.77
C TRP A 194 -0.11 -20.17 -14.66
N GLY A 195 1.03 -19.62 -15.04
CA GLY A 195 1.90 -18.96 -14.10
C GLY A 195 1.93 -17.51 -14.53
N LYS A 196 2.16 -16.59 -13.60
CA LYS A 196 2.21 -15.17 -13.92
C LYS A 196 3.11 -14.88 -15.12
N THR A 197 4.23 -15.60 -15.22
CA THR A 197 5.17 -15.38 -16.33
C THR A 197 4.61 -15.80 -17.69
N GLY A 198 3.78 -16.84 -17.70
CA GLY A 198 3.20 -17.29 -18.96
C GLY A 198 2.10 -16.36 -19.43
N VAL A 199 1.27 -15.91 -18.50
CA VAL A 199 0.17 -15.02 -18.81
C VAL A 199 0.70 -13.72 -19.38
N GLU A 200 1.65 -13.12 -18.67
CA GLU A 200 2.23 -11.84 -19.08
C GLU A 200 2.96 -11.91 -20.41
N LEU A 201 3.76 -12.85 -20.71
CA LEU A 201 4.34 -13.15 -22.06
C LEU A 201 3.34 -13.02 -23.26
N LEU A 202 2.15 -13.61 -23.06
CA LEU A 202 1.20 -13.60 -24.16
C LEU A 202 0.64 -12.20 -24.12
N ALA A 203 0.48 -11.61 -22.94
CA ALA A 203 -0.07 -10.27 -22.84
C ALA A 203 0.84 -9.26 -23.55
N LYS A 204 2.15 -9.45 -23.42
CA LYS A 204 3.12 -8.54 -24.04
C LYS A 204 3.02 -8.44 -25.56
N LEU A 205 2.30 -9.38 -26.18
CA LEU A 205 2.15 -9.35 -27.63
C LEU A 205 1.06 -8.35 -28.05
N TYR A 206 0.17 -8.04 -27.11
CA TYR A 206 -0.95 -7.16 -27.43
C TYR A 206 -1.12 -5.94 -26.53
N PHE A 207 -0.54 -5.97 -25.32
CA PHE A 207 -0.71 -4.84 -24.42
C PHE A 207 0.54 -4.40 -23.68
N THR A 208 0.47 -3.21 -23.10
CA THR A 208 1.52 -2.66 -22.27
C THR A 208 0.80 -2.58 -20.92
N LYS A 209 1.50 -2.88 -19.82
CA LYS A 209 0.80 -2.83 -18.55
C LYS A 209 0.79 -1.48 -17.87
N GLU A 210 -0.41 -1.06 -17.49
CA GLU A 210 -0.65 0.20 -16.79
C GLU A 210 -0.34 0.04 -15.31
N ALA A 211 -0.87 -1.00 -14.68
CA ALA A 211 -0.65 -1.25 -13.26
C ALA A 211 -0.81 -2.73 -12.91
N GLU A 212 -0.46 -3.08 -11.68
CA GLU A 212 -0.56 -4.46 -11.22
C GLU A 212 -0.68 -4.52 -9.71
N GLU A 213 -1.69 -5.24 -9.23
CA GLU A 213 -1.93 -5.38 -7.79
C GLU A 213 -1.82 -6.85 -7.39
N LYS A 214 -1.05 -7.13 -6.35
CA LYS A 214 -0.93 -8.50 -5.87
C LYS A 214 -2.07 -8.76 -4.89
N VAL A 215 -2.81 -9.83 -5.12
CA VAL A 215 -3.95 -10.19 -4.28
C VAL A 215 -3.72 -11.55 -3.64
N GLY A 216 -3.81 -11.59 -2.31
CA GLY A 216 -3.60 -12.84 -1.62
C GLY A 216 -2.16 -13.30 -1.74
N ASN A 217 -1.95 -14.60 -1.66
CA ASN A 217 -0.61 -15.16 -1.76
C ASN A 217 -0.09 -15.32 -3.17
N TYR A 218 -0.98 -15.57 -4.13
CA TYR A 218 -0.53 -15.72 -5.51
C TYR A 218 -1.51 -15.32 -6.59
N SER A 219 -2.30 -14.28 -6.33
CA SER A 219 -3.26 -13.80 -7.31
C SER A 219 -2.90 -12.39 -7.74
N TYR A 220 -3.28 -12.03 -8.96
CA TYR A 220 -2.96 -10.70 -9.50
C TYR A 220 -4.06 -10.01 -10.26
N LEU A 221 -4.17 -8.70 -10.04
CA LEU A 221 -5.12 -7.88 -10.76
C LEU A 221 -4.20 -7.05 -11.65
N THR A 222 -4.35 -7.19 -12.96
CA THR A 222 -3.50 -6.44 -13.88
C THR A 222 -4.28 -5.51 -14.79
N VAL A 223 -3.76 -4.31 -15.00
CA VAL A 223 -4.40 -3.32 -15.86
C VAL A 223 -3.57 -3.15 -17.13
N TYR A 224 -4.17 -3.43 -18.27
CA TYR A 224 -3.48 -3.34 -19.56
C TYR A 224 -4.06 -2.31 -20.52
N ASN A 225 -3.20 -1.75 -21.37
CA ASN A 225 -3.62 -0.79 -22.38
C ASN A 225 -3.27 -1.44 -23.72
N PRO A 226 -4.21 -1.40 -24.68
CA PRO A 226 -4.01 -1.98 -26.01
C PRO A 226 -2.98 -1.25 -26.87
N LYS A 227 -2.33 -2.00 -27.76
CA LYS A 227 -1.34 -1.43 -28.66
C LYS A 227 -1.98 -1.19 -30.02
N GLY B 2 12.02 22.45 20.29
CA GLY B 2 13.42 22.67 19.83
C GLY B 2 13.54 23.94 19.03
N PHE B 3 14.77 24.38 18.78
CA PHE B 3 14.99 25.60 18.01
C PHE B 3 16.39 25.71 17.44
N LYS B 4 16.64 26.82 16.72
CA LYS B 4 17.90 27.08 16.05
C LYS B 4 19.17 26.78 16.84
N GLU B 5 19.40 27.49 17.93
CA GLU B 5 20.60 27.27 18.71
C GLU B 5 20.72 25.83 19.21
N TYR B 6 19.62 25.29 19.69
CA TYR B 6 19.56 23.93 20.21
C TYR B 6 20.06 22.91 19.18
N TYR B 7 19.55 23.00 17.95
CA TYR B 7 19.96 22.05 16.90
C TYR B 7 21.36 22.31 16.35
N ARG B 8 21.85 23.52 16.50
CA ARG B 8 23.19 23.83 16.02
C ARG B 8 24.21 23.32 17.03
N VAL B 9 23.87 23.38 18.31
CA VAL B 9 24.77 22.92 19.37
C VAL B 9 24.88 21.41 19.48
N PHE B 10 23.76 20.71 19.33
CA PHE B 10 23.77 19.26 19.42
C PHE B 10 23.78 18.64 18.03
N PRO B 11 24.89 18.00 17.65
CA PRO B 11 25.03 17.36 16.33
C PRO B 11 24.10 16.16 16.15
N THR B 12 23.48 15.77 17.26
CA THR B 12 22.58 14.62 17.30
C THR B 12 21.54 14.53 16.18
N TYR B 13 20.97 15.67 15.82
CA TYR B 13 19.92 15.74 14.80
C TYR B 13 20.30 16.49 13.51
N THR B 14 21.53 16.99 13.45
CA THR B 14 21.97 17.75 12.29
C THR B 14 23.27 17.28 11.64
N ASP B 15 24.10 16.53 12.36
CA ASP B 15 25.37 16.04 11.81
C ASP B 15 25.23 14.55 11.58
N ILE B 16 24.77 14.18 10.38
CA ILE B 16 24.58 12.79 10.03
C ILE B 16 25.86 11.97 10.15
N ASN B 17 27.01 12.63 10.07
CA ASN B 17 28.28 11.92 10.18
C ASN B 17 28.76 11.79 11.64
N SER B 18 28.03 12.40 12.57
CA SER B 18 28.41 12.37 13.98
C SER B 18 28.14 11.03 14.68
N GLN B 19 28.94 10.71 15.70
CA GLN B 19 28.74 9.47 16.45
C GLN B 19 27.38 9.48 17.11
N GLU B 20 26.93 10.64 17.57
CA GLU B 20 25.61 10.74 18.19
C GLU B 20 24.51 10.35 17.19
N TYR B 21 24.53 10.98 16.01
CA TYR B 21 23.52 10.71 14.97
C TYR B 21 23.55 9.23 14.57
N ARG B 22 24.75 8.73 14.25
CA ARG B 22 24.91 7.32 13.88
C ARG B 22 24.29 6.41 14.93
N SER B 23 24.52 6.72 16.20
CA SER B 23 24.01 5.93 17.30
C SER B 23 22.49 5.79 17.25
N ARG B 24 21.79 6.89 16.99
CA ARG B 24 20.34 6.84 16.91
C ARG B 24 19.94 5.99 15.70
N ILE B 25 20.67 6.13 14.60
CA ILE B 25 20.36 5.35 13.40
C ILE B 25 20.49 3.86 13.66
N GLU B 26 21.61 3.44 14.25
CA GLU B 26 21.83 2.03 14.51
C GLU B 26 20.90 1.47 15.58
N THR B 27 20.44 2.32 16.49
CA THR B 27 19.54 1.86 17.55
C THR B 27 18.15 1.57 16.97
N LEU B 28 17.74 2.36 15.98
CA LEU B 28 16.43 2.17 15.40
C LEU B 28 16.41 1.31 14.14
N GLU B 29 17.55 1.23 13.47
CA GLU B 29 17.66 0.46 12.22
C GLU B 29 16.96 -0.90 12.23
N PRO B 30 17.30 -1.77 13.20
CA PRO B 30 16.68 -3.10 13.26
C PRO B 30 15.19 -3.08 13.59
N LEU B 31 14.79 -2.17 14.47
CA LEU B 31 13.38 -2.14 14.82
C LEU B 31 12.52 -1.67 13.65
N LEU B 32 13.03 -0.78 12.82
CA LEU B 32 12.30 -0.33 11.63
C LEU B 32 12.17 -1.43 10.58
N MSE B 33 13.27 -2.15 10.31
CA MSE B 33 13.24 -3.20 9.31
C MSE B 33 12.45 -4.43 9.73
O MSE B 33 12.07 -5.24 8.90
CB MSE B 33 14.66 -3.59 8.92
CG MSE B 33 15.43 -2.46 8.23
SE MSE B 33 14.38 -1.61 6.83
CE MSE B 33 13.57 -0.20 7.85
N LYS B 34 12.19 -4.54 11.03
CA LYS B 34 11.41 -5.66 11.55
C LYS B 34 9.94 -5.44 11.25
N TYR B 35 9.57 -4.19 10.97
CA TYR B 35 8.19 -3.83 10.68
C TYR B 35 7.99 -3.25 9.30
N MSE B 36 9.06 -3.23 8.51
CA MSE B 36 9.01 -2.70 7.17
C MSE B 36 9.62 -3.70 6.17
O MSE B 36 10.34 -3.31 5.25
CB MSE B 36 9.79 -1.37 7.11
CG MSE B 36 9.27 -0.28 8.06
SE MSE B 36 10.33 1.35 7.94
CE MSE B 36 9.89 1.89 6.15
N LYS B 37 9.33 -4.98 6.37
CA LYS B 37 9.86 -6.02 5.50
C LYS B 37 9.42 -5.80 4.06
N LYS B 38 8.22 -5.28 3.88
CA LYS B 38 7.68 -5.04 2.55
C LYS B 38 8.12 -3.65 2.08
N ARG B 39 9.01 -3.62 1.10
CA ARG B 39 9.51 -2.36 0.56
C ARG B 39 8.38 -1.58 -0.13
N GLY B 40 8.42 -0.26 -0.03
CA GLY B 40 7.40 0.56 -0.65
C GLY B 40 7.65 2.05 -0.57
N LYS B 41 6.57 2.83 -0.65
CA LYS B 41 6.66 4.29 -0.60
C LYS B 41 6.67 4.75 0.87
N VAL B 42 7.66 5.56 1.24
CA VAL B 42 7.79 6.03 2.61
C VAL B 42 7.87 7.54 2.78
N LEU B 43 7.16 8.06 3.77
CA LEU B 43 7.17 9.48 4.10
C LEU B 43 7.91 9.68 5.42
N ASP B 44 9.04 10.37 5.37
CA ASP B 44 9.86 10.66 6.55
C ASP B 44 9.32 12.02 7.02
N LEU B 45 8.38 12.01 7.95
CA LEU B 45 7.75 13.24 8.45
C LEU B 45 8.65 13.93 9.48
N ALA B 46 9.00 15.20 9.22
CA ALA B 46 9.91 15.93 10.10
C ALA B 46 11.27 15.23 9.94
N CYS B 47 11.72 15.11 8.69
CA CYS B 47 12.95 14.39 8.35
C CYS B 47 14.30 14.95 8.79
N GLY B 48 14.32 16.21 9.23
CA GLY B 48 15.57 16.79 9.66
C GLY B 48 16.51 16.91 8.47
N VAL B 49 17.74 16.45 8.65
CA VAL B 49 18.72 16.49 7.57
C VAL B 49 18.72 15.21 6.73
N GLY B 50 17.72 14.35 6.96
CA GLY B 50 17.54 13.15 6.16
C GLY B 50 18.21 11.84 6.48
N GLY B 51 19.01 11.75 7.53
CA GLY B 51 19.68 10.50 7.85
C GLY B 51 18.82 9.24 7.75
N PHE B 52 17.60 9.30 8.25
CA PHE B 52 16.73 8.13 8.17
C PHE B 52 16.15 7.93 6.76
N SER B 53 16.05 9.02 6.00
CA SER B 53 15.56 8.91 4.64
C SER B 53 16.61 8.18 3.80
N PHE B 54 17.88 8.58 3.96
CA PHE B 54 18.99 7.96 3.24
C PHE B 54 19.10 6.49 3.64
N LEU B 55 18.85 6.21 4.92
CA LEU B 55 18.91 4.84 5.39
C LEU B 55 17.89 4.01 4.62
N LEU B 56 16.66 4.51 4.55
CA LEU B 56 15.58 3.81 3.87
C LEU B 56 15.80 3.67 2.37
N GLU B 57 16.43 4.68 1.76
CA GLU B 57 16.70 4.63 0.33
C GLU B 57 17.70 3.50 0.09
N ASP B 58 18.68 3.37 0.98
CA ASP B 58 19.69 2.33 0.87
C ASP B 58 19.04 0.96 0.93
N TYR B 59 17.86 0.88 1.53
CA TYR B 59 17.14 -0.38 1.65
C TYR B 59 16.13 -0.61 0.54
N GLY B 60 16.18 0.24 -0.48
CA GLY B 60 15.28 0.08 -1.61
C GLY B 60 13.88 0.66 -1.49
N PHE B 61 13.70 1.63 -0.61
CA PHE B 61 12.39 2.26 -0.45
C PHE B 61 12.36 3.53 -1.29
N GLU B 62 11.16 3.95 -1.67
CA GLU B 62 11.00 5.19 -2.42
C GLU B 62 10.71 6.19 -1.31
N VAL B 63 11.65 7.10 -1.08
CA VAL B 63 11.54 8.06 0.02
C VAL B 63 11.29 9.52 -0.27
N VAL B 64 10.38 10.11 0.50
CA VAL B 64 10.09 11.53 0.42
C VAL B 64 10.31 12.06 1.82
N GLY B 65 11.06 13.14 1.95
CA GLY B 65 11.32 13.71 3.27
C GLY B 65 10.76 15.11 3.33
N VAL B 66 9.97 15.38 4.36
CA VAL B 66 9.37 16.70 4.55
C VAL B 66 9.75 17.26 5.90
N ASP B 67 10.15 18.53 5.93
CA ASP B 67 10.50 19.22 7.16
C ASP B 67 10.12 20.69 6.99
N ILE B 68 9.65 21.30 8.07
CA ILE B 68 9.25 22.70 8.06
C ILE B 68 10.43 23.66 7.97
N SER B 69 11.61 23.18 8.34
CA SER B 69 12.79 24.04 8.34
C SER B 69 13.56 24.10 7.03
N GLU B 70 13.67 25.31 6.48
CA GLU B 70 14.42 25.53 5.24
C GLU B 70 15.87 25.10 5.45
N ASP B 71 16.46 25.52 6.58
CA ASP B 71 17.85 25.17 6.85
C ASP B 71 18.05 23.67 6.89
N MSE B 72 17.08 22.98 7.46
CA MSE B 72 17.15 21.56 7.58
C MSE B 72 17.12 20.92 6.19
O MSE B 72 17.97 20.09 5.86
CB MSE B 72 15.98 21.08 8.42
CG MSE B 72 16.33 19.90 9.31
SE MSE B 72 17.53 20.25 10.83
CE MSE B 72 18.68 21.67 10.27
N ILE B 73 16.16 21.35 5.38
CA ILE B 73 16.05 20.82 4.03
C ILE B 73 17.26 21.20 3.16
N ARG B 74 17.81 22.39 3.37
CA ARG B 74 18.97 22.83 2.60
C ARG B 74 20.14 21.87 2.88
N LYS B 75 20.33 21.52 4.14
CA LYS B 75 21.40 20.59 4.53
C LYS B 75 21.12 19.17 4.03
N ALA B 76 19.87 18.74 4.08
CA ALA B 76 19.52 17.40 3.62
C ALA B 76 19.86 17.28 2.13
N ARG B 77 19.61 18.34 1.38
CA ARG B 77 19.89 18.32 -0.05
C ARG B 77 21.38 18.27 -0.29
N GLU B 78 22.14 18.97 0.56
CA GLU B 78 23.60 18.97 0.46
C GLU B 78 24.06 17.54 0.68
N TYR B 79 23.56 16.90 1.74
CA TYR B 79 23.94 15.52 2.03
C TYR B 79 23.55 14.61 0.86
N ALA B 80 22.38 14.85 0.28
CA ALA B 80 21.89 14.04 -0.84
C ALA B 80 22.79 14.17 -2.07
N LYS B 81 23.33 15.36 -2.28
CA LYS B 81 24.21 15.62 -3.40
C LYS B 81 25.50 14.81 -3.27
N SER B 82 26.09 14.81 -2.07
CA SER B 82 27.33 14.08 -1.83
C SER B 82 27.13 12.57 -1.81
N ARG B 83 25.89 12.13 -1.60
CA ARG B 83 25.59 10.70 -1.57
C ARG B 83 24.93 10.28 -2.88
N GLU B 84 24.72 11.26 -3.76
CA GLU B 84 24.06 11.02 -5.05
C GLU B 84 22.67 10.43 -4.84
N SER B 85 22.09 10.71 -3.66
CA SER B 85 20.76 10.22 -3.29
C SER B 85 19.63 10.70 -4.19
N ASN B 86 18.58 9.90 -4.29
CA ASN B 86 17.43 10.30 -5.09
C ASN B 86 16.20 10.62 -4.23
N VAL B 87 16.42 10.69 -2.91
CA VAL B 87 15.35 11.02 -1.98
C VAL B 87 14.85 12.42 -2.34
N GLU B 88 13.55 12.61 -2.28
CA GLU B 88 12.97 13.92 -2.58
C GLU B 88 12.70 14.63 -1.26
N PHE B 89 13.36 15.77 -1.04
CA PHE B 89 13.16 16.53 0.18
C PHE B 89 12.32 17.75 -0.16
N ILE B 90 11.35 18.04 0.70
CA ILE B 90 10.43 19.17 0.50
C ILE B 90 10.22 19.94 1.81
N VAL B 91 10.19 21.27 1.72
CA VAL B 91 9.94 22.08 2.90
C VAL B 91 8.43 22.01 3.10
N GLY B 92 7.99 21.37 4.17
CA GLY B 92 6.55 21.25 4.41
C GLY B 92 6.16 21.16 5.87
N ASP B 93 4.85 21.21 6.11
CA ASP B 93 4.27 21.18 7.46
C ASP B 93 3.53 19.88 7.76
N ALA B 94 4.00 19.14 8.74
CA ALA B 94 3.37 17.88 9.13
C ALA B 94 1.93 18.06 9.59
N ARG B 95 1.56 19.29 9.97
CA ARG B 95 0.21 19.53 10.44
C ARG B 95 -0.79 19.60 9.29
N LYS B 96 -0.27 19.80 8.09
CA LYS B 96 -1.10 19.86 6.89
C LYS B 96 -0.22 19.64 5.65
N LEU B 97 -0.25 18.41 5.14
CA LEU B 97 0.55 18.03 3.98
C LEU B 97 -0.19 18.22 2.66
N SER B 98 0.56 18.39 1.58
CA SER B 98 -0.02 18.60 0.26
C SER B 98 -0.27 17.30 -0.52
N PHE B 99 0.20 16.18 0.02
CA PHE B 99 0.02 14.89 -0.65
C PHE B 99 -1.45 14.49 -0.74
N GLU B 100 -1.76 13.69 -1.75
CA GLU B 100 -3.13 13.22 -1.93
C GLU B 100 -3.37 12.11 -0.91
N ASP B 101 -4.63 11.79 -0.66
CA ASP B 101 -4.95 10.74 0.30
C ASP B 101 -4.38 9.39 -0.16
N LYS B 102 -4.16 8.51 0.81
CA LYS B 102 -3.64 7.17 0.54
C LYS B 102 -2.47 7.13 -0.44
N THR B 103 -1.45 7.96 -0.19
CA THR B 103 -0.28 8.01 -1.06
C THR B 103 0.85 7.08 -0.63
N PHE B 104 1.09 7.01 0.67
CA PHE B 104 2.21 6.22 1.20
C PHE B 104 1.92 4.86 1.83
N ASP B 105 2.91 4.00 1.77
CA ASP B 105 2.83 2.68 2.37
C ASP B 105 3.28 2.80 3.82
N TYR B 106 4.14 3.79 4.07
CA TYR B 106 4.68 4.06 5.41
C TYR B 106 4.90 5.54 5.65
N VAL B 107 4.84 5.92 6.92
CA VAL B 107 5.10 7.28 7.36
C VAL B 107 5.88 7.10 8.66
N ILE B 108 7.13 7.55 8.70
CA ILE B 108 7.93 7.44 9.93
C ILE B 108 8.02 8.82 10.55
N PHE B 109 7.94 8.86 11.88
CA PHE B 109 7.97 10.11 12.65
C PHE B 109 8.90 9.86 13.84
N ILE B 110 10.16 10.26 13.68
CA ILE B 110 11.19 10.02 14.69
C ILE B 110 11.70 11.25 15.45
N ASP B 111 11.83 11.13 16.77
CA ASP B 111 12.35 12.20 17.64
C ASP B 111 11.92 13.63 17.31
N SER B 112 10.64 13.90 17.12
CA SER B 112 10.30 15.27 16.80
C SER B 112 9.08 15.77 17.55
N ILE B 113 8.61 14.96 18.49
CA ILE B 113 7.40 15.28 19.22
C ILE B 113 7.46 16.53 20.13
N VAL B 114 8.66 16.93 20.57
CA VAL B 114 8.76 18.10 21.44
C VAL B 114 8.32 19.39 20.75
N HIS B 115 8.20 19.36 19.42
CA HIS B 115 7.79 20.55 18.68
C HIS B 115 6.28 20.71 18.61
N PHE B 116 5.52 19.72 19.05
CA PHE B 116 4.06 19.79 18.95
C PHE B 116 3.25 19.82 20.25
N GLU B 117 2.40 20.83 20.40
CA GLU B 117 1.52 20.89 21.56
C GLU B 117 0.38 19.89 21.21
N PRO B 118 -0.52 19.60 22.14
CA PRO B 118 -1.60 18.65 21.83
C PRO B 118 -2.43 18.87 20.57
N LEU B 119 -2.93 20.09 20.35
CA LEU B 119 -3.72 20.30 19.15
C LEU B 119 -2.91 20.16 17.87
N GLU B 120 -1.62 20.47 17.92
CA GLU B 120 -0.79 20.36 16.73
C GLU B 120 -0.46 18.90 16.42
N LEU B 121 -0.15 18.11 17.45
CA LEU B 121 0.16 16.69 17.25
C LEU B 121 -1.11 16.00 16.73
N ASN B 122 -2.26 16.48 17.17
CA ASN B 122 -3.54 15.92 16.72
C ASN B 122 -3.71 16.13 15.22
N GLN B 123 -3.35 17.32 14.73
CA GLN B 123 -3.46 17.61 13.30
C GLN B 123 -2.49 16.74 12.51
N VAL B 124 -1.31 16.47 13.08
CA VAL B 124 -0.33 15.64 12.41
C VAL B 124 -0.90 14.22 12.27
N PHE B 125 -1.44 13.67 13.35
CA PHE B 125 -2.00 12.33 13.29
C PHE B 125 -3.12 12.22 12.25
N LYS B 126 -3.99 13.22 12.14
CA LYS B 126 -5.06 13.15 11.16
C LYS B 126 -4.50 13.20 9.74
N GLU B 127 -3.40 13.93 9.53
CA GLU B 127 -2.79 14.00 8.22
C GLU B 127 -2.04 12.72 7.88
N VAL B 128 -1.48 12.08 8.89
CA VAL B 128 -0.76 10.83 8.67
C VAL B 128 -1.79 9.77 8.26
N ARG B 129 -2.87 9.65 9.03
CA ARG B 129 -3.92 8.69 8.72
C ARG B 129 -4.47 8.95 7.31
N ARG B 130 -4.55 10.22 6.93
CA ARG B 130 -5.06 10.59 5.63
C ARG B 130 -4.17 10.17 4.46
N VAL B 131 -2.90 10.55 4.49
CA VAL B 131 -2.00 10.22 3.38
C VAL B 131 -1.53 8.77 3.33
N LEU B 132 -1.87 7.98 4.34
CA LEU B 132 -1.49 6.57 4.36
C LEU B 132 -2.52 5.71 3.63
N LYS B 133 -2.05 4.63 3.02
CA LYS B 133 -2.93 3.70 2.34
C LYS B 133 -3.51 2.87 3.46
N PRO B 134 -4.71 2.30 3.25
CA PRO B 134 -5.36 1.48 4.29
C PRO B 134 -4.46 0.37 4.81
N SER B 135 -3.61 -0.16 3.93
CA SER B 135 -2.70 -1.23 4.32
C SER B 135 -1.39 -0.66 4.89
N GLY B 136 -1.25 0.66 4.82
CA GLY B 136 -0.05 1.32 5.31
C GLY B 136 0.31 1.15 6.77
N LYS B 137 1.41 1.76 7.18
CA LYS B 137 1.88 1.68 8.56
C LYS B 137 2.38 3.03 9.04
N PHE B 138 2.08 3.37 10.29
CA PHE B 138 2.54 4.61 10.89
C PHE B 138 3.52 4.20 11.97
N ILE B 139 4.79 4.56 11.78
CA ILE B 139 5.83 4.21 12.75
C ILE B 139 6.44 5.46 13.36
N MSE B 140 6.32 5.60 14.68
CA MSE B 140 6.90 6.76 15.32
C MSE B 140 7.73 6.40 16.53
O MSE B 140 7.60 5.33 17.13
CB MSE B 140 5.82 7.76 15.74
CG MSE B 140 5.05 7.43 17.00
SE MSE B 140 3.95 8.95 17.61
CE MSE B 140 5.23 9.87 18.71
N TYR B 141 8.60 7.33 16.91
CA TYR B 141 9.46 7.12 18.04
C TYR B 141 9.85 8.46 18.62
N PHE B 142 10.09 8.49 19.93
CA PHE B 142 10.55 9.70 20.59
C PHE B 142 11.19 9.36 21.93
N THR B 143 12.22 10.11 22.29
CA THR B 143 12.97 9.90 23.52
C THR B 143 12.30 10.52 24.72
N ASP B 144 12.04 9.71 25.73
CA ASP B 144 11.43 10.18 26.96
C ASP B 144 12.36 11.21 27.57
N LEU B 145 11.80 12.29 28.10
CA LEU B 145 12.59 13.37 28.69
C LEU B 145 13.60 12.86 29.72
N ARG B 146 13.16 11.94 30.59
CA ARG B 146 14.05 11.39 31.59
C ARG B 146 15.35 10.85 30.97
N GLU B 147 15.28 10.36 29.74
CA GLU B 147 16.45 9.81 29.05
C GLU B 147 17.16 10.82 28.15
N LEU B 148 16.41 11.79 27.64
CA LEU B 148 16.97 12.81 26.74
C LEU B 148 17.90 13.80 27.44
N LEU B 149 17.53 14.22 28.65
CA LEU B 149 18.34 15.17 29.41
C LEU B 149 19.75 14.65 29.64
N PRO B 150 19.88 13.40 30.10
CA PRO B 150 21.21 12.83 30.36
C PRO B 150 22.08 12.83 29.11
N ARG B 151 21.46 12.47 27.98
CA ARG B 151 22.17 12.44 26.70
C ARG B 151 22.64 13.84 26.30
N LEU B 152 21.78 14.83 26.50
CA LEU B 152 22.14 16.20 26.17
C LEU B 152 23.33 16.67 27.01
N LYS B 153 23.30 16.41 28.32
CA LYS B 153 24.39 16.82 29.19
C LYS B 153 25.71 16.20 28.73
N GLU B 154 25.68 14.94 28.32
CA GLU B 154 26.88 14.25 27.84
C GLU B 154 27.46 14.98 26.62
N SER B 155 26.60 15.41 25.70
CA SER B 155 27.05 16.12 24.52
C SER B 155 27.69 17.43 24.92
N LEU B 156 27.06 18.15 25.85
CA LEU B 156 27.61 19.42 26.32
C LEU B 156 29.01 19.27 26.89
N VAL B 157 29.27 18.19 27.62
CA VAL B 157 30.60 17.99 28.18
C VAL B 157 31.59 17.96 27.02
N VAL B 158 31.25 17.22 25.97
CA VAL B 158 32.12 17.12 24.81
C VAL B 158 32.31 18.51 24.19
N GLY B 159 31.25 19.31 24.25
CA GLY B 159 31.31 20.65 23.70
C GLY B 159 32.25 21.55 24.49
N GLN B 160 32.33 21.30 25.79
CA GLN B 160 33.19 22.08 26.68
C GLN B 160 32.82 23.56 26.69
N LYS B 161 31.57 23.88 26.40
CA LYS B 161 31.12 25.27 26.40
C LYS B 161 29.87 25.54 27.23
N TYR B 162 28.82 24.74 26.99
CA TYR B 162 27.58 24.91 27.73
C TYR B 162 27.32 23.78 28.73
N TRP B 163 26.48 24.10 29.71
CA TRP B 163 26.07 23.14 30.72
C TRP B 163 24.61 23.48 31.00
N ILE B 164 23.79 22.49 31.34
CA ILE B 164 22.39 22.76 31.63
C ILE B 164 22.30 23.43 33.00
N SER B 165 21.99 24.73 32.99
CA SER B 165 21.90 25.49 34.22
C SER B 165 20.56 25.39 34.95
N LYS B 166 19.50 25.04 34.23
CA LYS B 166 18.18 24.97 34.86
C LYS B 166 17.13 24.22 34.04
N VAL B 167 16.26 23.51 34.75
CA VAL B 167 15.16 22.73 34.16
C VAL B 167 13.85 23.22 34.80
N ILE B 168 13.15 24.11 34.10
CA ILE B 168 11.91 24.69 34.62
C ILE B 168 10.64 24.14 33.99
N PRO B 169 9.92 23.26 34.70
CA PRO B 169 8.70 22.71 34.13
C PRO B 169 7.48 23.63 34.30
N ASP B 170 6.47 23.40 33.48
CA ASP B 170 5.21 24.13 33.51
C ASP B 170 4.19 23.01 33.31
N GLN B 171 3.77 22.41 34.42
CA GLN B 171 2.81 21.30 34.40
C GLN B 171 1.48 21.56 33.72
N GLU B 172 0.87 22.71 33.99
CA GLU B 172 -0.42 23.04 33.40
C GLU B 172 -0.39 23.09 31.88
N GLU B 173 0.72 23.57 31.31
CA GLU B 173 0.86 23.66 29.86
C GLU B 173 1.57 22.47 29.23
N ARG B 174 2.04 21.55 30.07
CA ARG B 174 2.72 20.36 29.56
C ARG B 174 3.97 20.75 28.79
N THR B 175 4.78 21.64 29.36
CA THR B 175 6.03 22.05 28.73
C THR B 175 7.12 22.20 29.79
N VAL B 176 8.37 22.25 29.32
CA VAL B 176 9.51 22.41 30.18
C VAL B 176 10.56 23.29 29.50
N VAL B 177 11.25 24.09 30.29
CA VAL B 177 12.29 24.98 29.77
C VAL B 177 13.62 24.45 30.24
N ILE B 178 14.61 24.47 29.36
CA ILE B 178 15.94 24.03 29.72
C ILE B 178 16.87 25.15 29.33
N GLU B 179 17.62 25.66 30.30
CA GLU B 179 18.55 26.75 30.03
C GLU B 179 19.97 26.22 29.94
N PHE B 180 20.62 26.52 28.83
CA PHE B 180 21.99 26.10 28.62
C PHE B 180 22.85 27.33 28.81
N LYS B 181 23.61 27.34 29.90
CA LYS B 181 24.45 28.49 30.19
C LYS B 181 25.91 28.26 29.80
N SER B 182 26.57 29.35 29.42
CA SER B 182 27.97 29.31 29.03
C SER B 182 28.69 30.52 29.60
N GLU B 183 30.02 30.47 29.61
CA GLU B 183 30.83 31.57 30.11
C GLU B 183 30.65 32.77 29.17
N GLN B 184 30.59 32.49 27.88
CA GLN B 184 30.44 33.52 26.87
C GLN B 184 29.01 34.01 26.76
N ASP B 185 28.09 33.08 26.52
CA ASP B 185 26.67 33.41 26.38
C ASP B 185 25.80 32.32 26.99
N SER B 186 24.56 32.23 26.53
CA SER B 186 23.64 31.22 27.03
C SER B 186 22.35 31.24 26.22
N PHE B 187 21.58 30.17 26.31
CA PHE B 187 20.32 30.08 25.59
C PHE B 187 19.41 29.07 26.25
N ARG B 188 18.14 29.11 25.89
CA ARG B 188 17.30 28.03 26.38
C ARG B 188 16.17 27.73 25.40
N VAL B 189 15.62 26.54 25.61
CA VAL B 189 14.65 25.98 24.68
C VAL B 189 13.45 25.49 25.48
N ARG B 190 12.27 25.53 24.88
CA ARG B 190 11.07 25.04 25.55
C ARG B 190 10.53 23.84 24.77
N PHE B 191 10.33 22.73 25.46
CA PHE B 191 9.82 21.53 24.85
C PHE B 191 8.37 21.26 25.24
N ASN B 192 7.62 20.64 24.35
CA ASN B 192 6.28 20.21 24.69
C ASN B 192 6.58 18.84 25.31
N VAL B 193 6.08 18.59 26.51
CA VAL B 193 6.35 17.33 27.19
C VAL B 193 5.27 16.30 26.91
N TRP B 194 5.70 15.12 26.51
CA TRP B 194 4.75 14.06 26.18
C TRP B 194 5.01 12.75 26.92
N GLY B 195 3.92 12.14 27.38
CA GLY B 195 4.03 10.87 28.05
C GLY B 195 3.49 9.78 27.14
N LYS B 196 4.02 8.57 27.28
CA LYS B 196 3.59 7.42 26.49
C LYS B 196 2.05 7.36 26.43
N THR B 197 1.41 7.50 27.58
CA THR B 197 -0.04 7.45 27.68
C THR B 197 -0.77 8.58 26.93
N GLY B 198 -0.24 9.80 27.03
CA GLY B 198 -0.88 10.90 26.31
C GLY B 198 -0.79 10.71 24.80
N VAL B 199 0.40 10.36 24.32
CA VAL B 199 0.61 10.16 22.89
C VAL B 199 -0.35 9.09 22.37
N GLU B 200 -0.42 7.96 23.07
CA GLU B 200 -1.29 6.87 22.69
C GLU B 200 -2.75 7.28 22.68
N LEU B 201 -3.17 8.03 23.70
CA LEU B 201 -4.56 8.50 23.78
C LEU B 201 -4.96 9.17 22.48
N LEU B 202 -4.15 10.10 21.99
CA LEU B 202 -4.46 10.80 20.75
C LEU B 202 -4.27 9.92 19.52
N ALA B 203 -3.21 9.12 19.51
CA ALA B 203 -2.95 8.24 18.36
C ALA B 203 -4.12 7.31 18.10
N LYS B 204 -4.64 6.69 19.16
CA LYS B 204 -5.72 5.74 19.05
C LYS B 204 -7.07 6.29 18.58
N LEU B 205 -7.14 7.58 18.38
CA LEU B 205 -8.38 8.17 17.88
C LEU B 205 -8.42 7.90 16.37
N TYR B 206 -7.23 7.78 15.79
CA TYR B 206 -7.10 7.58 14.34
C TYR B 206 -6.42 6.28 13.91
N PHE B 207 -5.79 5.58 14.84
CA PHE B 207 -5.10 4.35 14.48
C PHE B 207 -5.34 3.24 15.48
N THR B 208 -4.96 2.04 15.07
CA THR B 208 -5.04 0.86 15.90
C THR B 208 -3.56 0.49 16.08
N LYS B 209 -3.19 0.10 17.30
CA LYS B 209 -1.81 -0.25 17.63
C LYS B 209 -1.39 -1.65 17.19
N GLU B 210 -0.48 -1.72 16.21
CA GLU B 210 0.01 -3.00 15.71
C GLU B 210 1.04 -3.58 16.66
N ALA B 211 2.11 -2.82 16.90
CA ALA B 211 3.17 -3.29 17.78
C ALA B 211 3.82 -2.20 18.63
N GLU B 212 4.81 -2.60 19.43
CA GLU B 212 5.51 -1.69 20.31
C GLU B 212 6.89 -2.28 20.63
N GLU B 213 7.88 -1.41 20.81
CA GLU B 213 9.24 -1.84 21.12
C GLU B 213 9.88 -0.85 22.09
N LYS B 214 10.15 -1.29 23.31
CA LYS B 214 10.76 -0.41 24.28
C LYS B 214 12.24 -0.22 23.97
N VAL B 215 12.68 1.03 24.01
CA VAL B 215 14.07 1.38 23.75
C VAL B 215 14.53 2.13 24.99
N GLY B 216 15.63 1.70 25.58
CA GLY B 216 16.10 2.34 26.78
C GLY B 216 15.14 1.97 27.89
N ASN B 217 14.92 2.88 28.83
CA ASN B 217 14.01 2.58 29.93
C ASN B 217 12.63 3.22 29.82
N TYR B 218 12.53 4.34 29.11
CA TYR B 218 11.23 5.01 28.97
C TYR B 218 10.82 5.42 27.55
N SER B 219 11.56 4.99 26.54
CA SER B 219 11.22 5.34 25.17
C SER B 219 10.59 4.17 24.42
N TYR B 220 9.82 4.49 23.39
CA TYR B 220 9.15 3.46 22.61
C TYR B 220 9.12 3.73 21.11
N LEU B 221 9.11 2.66 20.32
CA LEU B 221 8.97 2.79 18.89
C LEU B 221 7.62 2.10 18.74
N THR B 222 6.61 2.82 18.26
CA THR B 222 5.28 2.25 18.12
C THR B 222 4.86 2.13 16.66
N VAL B 223 4.16 1.05 16.37
CA VAL B 223 3.67 0.79 15.02
C VAL B 223 2.15 0.86 15.02
N TYR B 224 1.60 1.71 14.17
CA TYR B 224 0.17 1.91 14.08
C TYR B 224 -0.37 1.59 12.70
N ASN B 225 -1.64 1.21 12.68
CA ASN B 225 -2.38 0.92 11.46
C ASN B 225 -3.57 1.87 11.55
N PRO B 226 -3.97 2.49 10.45
CA PRO B 226 -5.09 3.44 10.28
C PRO B 226 -6.46 2.79 10.45
N LYS B 227 -7.53 3.56 10.13
CA LYS B 227 -8.89 3.05 10.28
C LYS B 227 -9.93 4.15 9.97
N SAM C . -15.99 -13.91 -14.62
CA SAM C . -16.76 -14.93 -13.87
C SAM C . -16.80 -14.56 -12.40
O SAM C . -17.85 -14.76 -11.77
OXT SAM C . -15.74 -14.06 -11.93
CB SAM C . -16.05 -16.24 -14.01
CG SAM C . -16.91 -17.40 -13.85
SD SAM C . -16.05 -19.02 -14.03
CE SAM C . -14.89 -19.06 -12.81
C5' SAM C . -15.35 -18.99 -15.69
C4' SAM C . -16.38 -18.82 -16.93
O4' SAM C . -15.63 -18.81 -18.18
C3' SAM C . -17.32 -20.00 -17.10
O3' SAM C . -18.60 -19.30 -16.74
C2' SAM C . -17.44 -20.36 -18.55
O2' SAM C . -18.64 -20.65 -19.18
C1' SAM C . -16.57 -19.20 -19.17
N9 SAM C . -15.89 -19.61 -20.41
C8 SAM C . -15.07 -20.69 -20.72
N7 SAM C . -14.66 -20.69 -21.96
C5 SAM C . -15.21 -19.58 -22.51
C6 SAM C . -15.17 -18.96 -23.84
N6 SAM C . -14.48 -19.50 -24.85
N1 SAM C . -15.87 -17.77 -24.07
C2 SAM C . -16.59 -17.19 -23.05
N3 SAM C . -16.69 -17.68 -21.78
C4 SAM C . -15.98 -18.88 -21.56
N SAM D . 13.28 12.88 12.32
CA SAM D . 14.54 13.66 12.56
C SAM D . 15.68 12.70 12.93
O SAM D . 16.84 13.02 12.61
OXT SAM D . 15.33 11.65 13.56
CB SAM D . 14.27 14.60 13.69
CG SAM D . 14.97 15.86 13.60
SD SAM D . 14.63 17.02 15.00
CE SAM D . 14.90 16.13 16.40
C5' SAM D . 12.92 17.47 14.78
C4' SAM D . 12.52 18.17 13.37
O4' SAM D . 11.09 18.44 13.38
C3' SAM D . 13.12 19.55 13.20
O3' SAM D . 14.00 19.24 12.01
C2' SAM D . 12.12 20.51 12.70
O2' SAM D . 12.37 21.45 11.70
C1' SAM D . 10.93 19.53 12.49
N9 SAM D . 9.62 20.15 12.70
C8 SAM D . 9.09 20.91 13.74
N7 SAM D . 7.85 21.28 13.53
C5 SAM D . 7.53 20.77 12.33
C6 SAM D . 6.34 20.79 11.50
N6 SAM D . 5.21 21.43 11.89
N1 SAM D . 6.35 20.12 10.27
C2 SAM D . 7.48 19.45 9.84
N3 SAM D . 8.64 19.37 10.54
C4 SAM D . 8.62 20.04 11.78
#